data_7WCK
#
_entry.id   7WCK
#
_cell.length_a   1.00
_cell.length_b   1.00
_cell.length_c   1.00
_cell.angle_alpha   90.00
_cell.angle_beta   90.00
_cell.angle_gamma   90.00
#
_symmetry.space_group_name_H-M   'P 1'
#
loop_
_entity.id
_entity.type
_entity.pdbx_description
1 polymer SWA9H
2 polymer SWA9L
3 polymer 'Surface glycoprotein'
#
loop_
_entity_poly.entity_id
_entity_poly.type
_entity_poly.pdbx_seq_one_letter_code
_entity_poly.pdbx_strand_id
1 'polypeptide(L)'
;QMQLVQSGPEVKKPGTSVKVSCKASGFTFTNSAMQWVRQARGQRLEWVGWIVVASGNANSARRFHDRVTITSDMSTSTAY
LELSSLRSEDTAVYYCALNHCSNTTCLDGFDIWGQGTMVSVSSASTKGPSVFPLAPSSKSTSGGTAALGCLVKDYFPEPV
TVSWNSGALTSGVHTFPAVLQSSGLYSLSSVVTVPSSSLGTQTYICNVNHKPSNTKVDKKVEPKSCDK
;
A
2 'polypeptide(L)'
;EIVLTQSPVTLSLSPGERATLSCRASQSVRNSLLAWYQQKPGQAPRLLIYAASSRATGIPDRFSGSGSGTDFTLTISRLE
PEDFVVYYCQQHGSSPPWTFGQGTKVEFKRT
;
B
3 'polypeptide(L)'
;TNLCPFGEVFNATRFASVYAWNRKRISNCVADYSVLYNSASFSTFKCYGVSPTKLNDLCFTNVYADSFVIRGDEVRQIAP
GQTGKIADYNYKLPDDFTGCVIAWNSNNLDSKVGGNYNYRYRLFRKSNLKPFERDISTEIYQAGSKPCNGVEGFNCYFPL
QSYGFQPTNGVGYQPYRVVVLSFELLHAPATVCGPKKST
;
R
#
# COMPACT_ATOMS: atom_id res chain seq x y z
N MET A 2 7.21 7.57 -14.07
CA MET A 2 7.49 6.16 -14.32
C MET A 2 8.97 5.83 -14.10
N GLN A 3 9.62 6.58 -13.20
CA GLN A 3 11.02 6.36 -12.88
C GLN A 3 11.22 6.42 -11.37
N LEU A 4 12.05 5.52 -10.87
CA LEU A 4 12.44 5.47 -9.46
C LEU A 4 13.86 5.96 -9.31
N VAL A 5 14.00 7.25 -8.98
CA VAL A 5 15.32 7.82 -8.72
C VAL A 5 15.77 7.38 -7.33
N GLN A 6 16.92 6.72 -7.28
CA GLN A 6 17.47 6.23 -6.03
C GLN A 6 18.62 7.14 -5.58
N SER A 7 18.98 7.05 -4.31
CA SER A 7 20.04 7.88 -3.78
C SER A 7 21.40 7.38 -4.26
N GLY A 8 22.43 8.20 -4.04
CA GLY A 8 23.76 7.88 -4.47
C GLY A 8 24.46 6.88 -3.56
N PRO A 9 25.70 6.54 -3.86
CA PRO A 9 26.44 5.58 -3.03
C PRO A 9 26.80 6.17 -1.67
N GLU A 10 26.92 5.28 -0.68
CA GLU A 10 27.39 5.65 0.64
C GLU A 10 28.53 4.72 1.03
N VAL A 11 29.72 5.28 1.17
CA VAL A 11 30.87 4.52 1.66
C VAL A 11 30.80 4.49 3.18
N LYS A 12 30.69 3.29 3.75
CA LYS A 12 30.45 3.16 5.18
C LYS A 12 31.51 2.30 5.87
N LYS A 13 31.25 1.95 7.12
CA LYS A 13 32.15 1.25 8.02
C LYS A 13 31.42 0.06 8.62
N PRO A 14 32.13 -1.04 8.96
CA PRO A 14 31.47 -2.23 9.51
C PRO A 14 30.77 -2.08 10.87
N GLY A 15 30.77 -0.90 11.47
CA GLY A 15 30.01 -0.70 12.69
C GLY A 15 28.80 0.19 12.49
N THR A 16 28.72 0.86 11.34
CA THR A 16 27.70 1.87 11.10
C THR A 16 26.42 1.21 10.59
N SER A 17 25.48 2.05 10.12
CA SER A 17 24.27 1.60 9.46
C SER A 17 24.02 2.48 8.25
N VAL A 18 23.36 1.92 7.24
CA VAL A 18 23.13 2.62 5.99
C VAL A 18 21.73 3.23 6.03
N LYS A 19 21.45 4.17 5.14
CA LYS A 19 20.11 4.73 4.96
C LYS A 19 19.91 4.96 3.47
N VAL A 20 19.25 4.02 2.81
CA VAL A 20 19.06 4.07 1.36
C VAL A 20 17.64 4.53 1.08
N SER A 21 17.50 5.64 0.36
CA SER A 21 16.20 6.15 -0.05
C SER A 21 15.95 5.83 -1.51
N CYS A 22 14.69 5.92 -1.91
CA CYS A 22 14.31 5.66 -3.30
C CYS A 22 13.04 6.44 -3.62
N LYS A 23 13.21 7.58 -4.29
CA LYS A 23 12.09 8.45 -4.63
C LYS A 23 11.49 8.01 -5.96
N ALA A 24 10.18 8.15 -6.07
CA ALA A 24 9.44 7.77 -7.27
C ALA A 24 9.08 9.04 -8.03
N SER A 25 9.66 9.20 -9.22
CA SER A 25 9.44 10.39 -10.04
C SER A 25 8.46 10.11 -11.17
N GLY A 26 7.69 11.14 -11.52
CA GLY A 26 6.72 11.06 -12.59
C GLY A 26 5.33 10.64 -12.17
N PHE A 27 5.14 10.25 -10.92
CA PHE A 27 3.87 9.70 -10.43
C PHE A 27 3.91 9.71 -8.91
N THR A 28 2.78 9.33 -8.32
CA THR A 28 2.65 9.19 -6.88
C THR A 28 2.39 7.75 -6.51
N PHE A 29 2.67 7.42 -5.25
CA PHE A 29 2.53 6.05 -4.77
C PHE A 29 1.07 5.72 -4.56
N THR A 30 0.56 4.78 -5.34
CA THR A 30 -0.67 4.07 -5.04
C THR A 30 -0.30 2.79 -4.29
N ASN A 31 -1.22 1.84 -4.20
CA ASN A 31 -0.98 0.53 -3.57
C ASN A 31 -0.05 -0.32 -4.43
N SER A 32 1.23 0.04 -4.40
CA SER A 32 2.15 -0.31 -5.48
C SER A 32 3.15 -1.41 -5.16
N ALA A 33 3.43 -1.68 -3.88
CA ALA A 33 4.21 -2.84 -3.42
C ALA A 33 5.63 -2.88 -3.98
N MET A 34 6.43 -1.92 -3.52
CA MET A 34 7.87 -1.92 -3.82
C MET A 34 8.56 -3.11 -3.17
N GLN A 35 9.56 -3.67 -3.85
CA GLN A 35 10.48 -4.63 -3.25
C GLN A 35 11.91 -4.10 -3.36
N TRP A 36 12.83 -4.73 -2.61
CA TRP A 36 14.21 -4.26 -2.51
C TRP A 36 15.15 -5.42 -2.76
N VAL A 37 16.08 -5.24 -3.70
CA VAL A 37 16.95 -6.32 -4.19
C VAL A 37 18.40 -5.91 -4.00
N ARG A 38 19.16 -6.74 -3.29
CA ARG A 38 20.55 -6.51 -2.95
C ARG A 38 21.45 -7.40 -3.80
N GLN A 39 22.34 -6.79 -4.57
CA GLN A 39 23.21 -7.54 -5.47
C GLN A 39 24.68 -7.33 -5.07
N ALA A 40 25.25 -8.31 -4.40
CA ALA A 40 26.70 -8.36 -4.26
C ALA A 40 27.30 -8.59 -5.64
N ARG A 41 28.36 -7.86 -5.96
CA ARG A 41 28.90 -7.88 -7.32
C ARG A 41 29.58 -9.22 -7.60
N GLY A 42 29.24 -9.81 -8.74
CA GLY A 42 29.68 -11.15 -9.07
C GLY A 42 28.81 -12.25 -8.54
N GLN A 43 27.73 -11.92 -7.84
CA GLN A 43 26.77 -12.89 -7.33
C GLN A 43 25.40 -12.64 -7.94
N ARG A 44 24.46 -13.51 -7.60
CA ARG A 44 23.08 -13.38 -8.04
C ARG A 44 22.39 -12.24 -7.31
N LEU A 45 21.23 -11.85 -7.84
CA LEU A 45 20.36 -10.94 -7.10
C LEU A 45 19.78 -11.65 -5.88
N GLU A 46 19.48 -10.88 -4.85
CA GLU A 46 18.90 -11.42 -3.63
C GLU A 46 17.58 -10.71 -3.35
N TRP A 47 17.00 -10.99 -2.20
CA TRP A 47 15.76 -10.37 -1.77
C TRP A 47 15.96 -9.82 -0.36
N VAL A 48 15.66 -8.54 -0.19
CA VAL A 48 15.79 -7.91 1.12
C VAL A 48 14.41 -7.90 1.79
N GLY A 49 13.49 -7.18 1.19
CA GLY A 49 12.17 -7.05 1.76
C GLY A 49 11.30 -6.23 0.84
N TRP A 50 10.03 -6.13 1.22
CA TRP A 50 9.07 -5.42 0.40
C TRP A 50 8.12 -4.61 1.27
N ILE A 51 7.71 -3.45 0.77
CA ILE A 51 6.74 -2.59 1.44
C ILE A 51 5.49 -2.53 0.57
N VAL A 52 4.34 -2.82 1.15
CA VAL A 52 3.12 -2.27 0.57
C VAL A 52 3.11 -0.79 0.92
N VAL A 53 3.28 0.07 -0.09
CA VAL A 53 3.61 1.47 0.16
C VAL A 53 2.43 2.21 0.77
N ALA A 54 1.20 1.87 0.35
CA ALA A 54 0.02 2.51 0.92
C ALA A 54 -0.19 2.09 2.37
N SER A 55 0.10 0.84 2.70
CA SER A 55 -0.14 0.35 4.04
C SER A 55 1.08 0.52 4.94
N GLY A 56 2.29 0.41 4.41
CA GLY A 56 3.46 0.40 5.24
C GLY A 56 3.77 -0.94 5.87
N ASN A 57 3.07 -2.00 5.49
CA ASN A 57 3.36 -3.33 6.01
C ASN A 57 4.62 -3.87 5.36
N ALA A 58 5.76 -3.59 5.98
CA ALA A 58 7.01 -4.14 5.49
C ALA A 58 7.13 -5.60 5.90
N ASN A 59 7.97 -6.33 5.16
CA ASN A 59 8.24 -7.74 5.48
C ASN A 59 9.58 -8.09 4.88
N SER A 60 10.56 -8.36 5.74
CA SER A 60 11.92 -8.61 5.33
C SER A 60 12.22 -10.11 5.27
N ALA A 61 13.32 -10.44 4.60
CA ALA A 61 13.72 -11.83 4.41
C ALA A 61 14.29 -12.40 5.70
N ARG A 62 14.53 -13.72 5.68
CA ARG A 62 14.83 -14.44 6.93
C ARG A 62 16.24 -14.16 7.43
N ARG A 63 17.21 -14.03 6.52
CA ARG A 63 18.55 -13.65 6.96
C ARG A 63 18.63 -12.17 7.31
N PHE A 64 17.62 -11.39 6.94
CA PHE A 64 17.53 -9.97 7.23
C PHE A 64 16.38 -9.67 8.20
N HIS A 65 16.02 -10.65 9.02
CA HIS A 65 14.77 -10.63 9.76
C HIS A 65 14.72 -9.60 10.89
N ASP A 66 15.87 -9.20 11.42
CA ASP A 66 15.90 -8.42 12.64
C ASP A 66 16.68 -7.11 12.57
N ARG A 67 17.24 -6.77 11.40
CA ARG A 67 18.19 -5.67 11.32
C ARG A 67 18.05 -4.87 10.03
N VAL A 68 16.90 -4.92 9.38
CA VAL A 68 16.53 -3.95 8.36
C VAL A 68 15.08 -3.56 8.58
N THR A 69 14.82 -2.25 8.58
CA THR A 69 13.47 -1.72 8.64
C THR A 69 13.24 -0.96 7.35
N ILE A 70 12.18 -1.33 6.64
CA ILE A 70 12.01 -0.86 5.27
C ILE A 70 10.77 0.01 5.30
N THR A 71 10.95 1.32 5.44
CA THR A 71 9.85 2.24 5.68
C THR A 71 9.50 3.02 4.41
N SER A 72 8.26 3.50 4.36
CA SER A 72 7.79 4.25 3.21
C SER A 72 7.04 5.49 3.67
N ASP A 73 7.01 6.49 2.81
CA ASP A 73 6.32 7.74 3.08
C ASP A 73 5.54 8.16 1.85
N MET A 74 4.22 8.19 1.96
CA MET A 74 3.36 8.57 0.85
C MET A 74 3.31 10.08 0.63
N SER A 75 3.62 10.87 1.66
CA SER A 75 3.54 12.32 1.54
C SER A 75 4.62 12.86 0.60
N THR A 76 5.84 12.36 0.70
CA THR A 76 6.93 12.77 -0.16
C THR A 76 7.05 11.92 -1.41
N SER A 77 6.23 10.86 -1.52
CA SER A 77 6.34 9.81 -2.54
C SER A 77 7.76 9.21 -2.57
N THR A 78 8.13 8.64 -1.43
CA THR A 78 9.42 8.00 -1.25
C THR A 78 9.21 6.67 -0.55
N ALA A 79 10.29 5.89 -0.49
CA ALA A 79 10.30 4.64 0.26
C ALA A 79 11.75 4.36 0.65
N TYR A 80 11.97 4.14 1.94
CA TYR A 80 13.32 4.18 2.48
C TYR A 80 13.82 2.76 2.74
N LEU A 81 15.06 2.67 3.23
CA LEU A 81 15.61 1.42 3.75
C LEU A 81 16.79 1.77 4.63
N GLU A 82 16.86 1.15 5.81
CA GLU A 82 18.06 1.26 6.63
C GLU A 82 18.42 -0.15 7.11
N LEU A 83 19.67 -0.54 6.88
CA LEU A 83 20.15 -1.87 7.24
C LEU A 83 21.15 -1.72 8.39
N SER A 84 20.98 -2.54 9.42
CA SER A 84 21.77 -2.40 10.63
C SER A 84 23.06 -3.21 10.57
N SER A 85 24.11 -2.66 11.18
CA SER A 85 25.38 -3.26 11.57
C SER A 85 26.34 -3.53 10.41
N LEU A 86 25.86 -3.40 9.17
CA LEU A 86 26.62 -3.22 7.92
C LEU A 86 27.93 -4.02 7.82
N ARG A 87 27.80 -5.34 7.86
CA ARG A 87 28.96 -6.22 7.95
C ARG A 87 29.78 -6.20 6.66
N SER A 88 30.92 -6.88 6.69
CA SER A 88 31.80 -6.90 5.52
C SER A 88 31.18 -7.65 4.35
N GLU A 89 30.24 -8.56 4.63
CA GLU A 89 29.50 -9.24 3.56
C GLU A 89 28.19 -8.51 3.22
N ASP A 90 28.28 -7.18 3.07
CA ASP A 90 27.13 -6.36 2.70
C ASP A 90 27.48 -5.37 1.61
N THR A 91 28.69 -5.43 1.05
CA THR A 91 29.09 -4.53 -0.03
C THR A 91 28.39 -4.95 -1.30
N ALA A 92 27.45 -4.13 -1.78
CA ALA A 92 26.53 -4.60 -2.80
C ALA A 92 25.96 -3.41 -3.55
N VAL A 93 24.97 -3.69 -4.40
CA VAL A 93 24.19 -2.68 -5.09
C VAL A 93 22.73 -2.97 -4.77
N TYR A 94 22.00 -1.95 -4.33
CA TYR A 94 20.66 -2.15 -3.77
C TYR A 94 19.64 -1.53 -4.71
N TYR A 95 18.65 -2.34 -5.10
CA TYR A 95 17.76 -1.99 -6.20
C TYR A 95 16.35 -1.89 -5.66
N CYS A 96 15.68 -0.78 -5.90
CA CYS A 96 14.30 -0.61 -5.49
C CYS A 96 13.40 -0.85 -6.69
N ALA A 97 12.63 -1.93 -6.65
CA ALA A 97 11.83 -2.39 -7.78
C ALA A 97 10.37 -2.16 -7.46
N LEU A 98 9.64 -1.56 -8.39
CA LEU A 98 8.25 -1.20 -8.15
C LEU A 98 7.34 -1.90 -9.15
N ASN A 99 6.15 -2.28 -8.66
CA ASN A 99 5.08 -2.82 -9.47
C ASN A 99 4.23 -1.66 -9.95
N HIS A 100 4.04 -1.57 -11.27
CA HIS A 100 3.24 -0.49 -11.85
C HIS A 100 1.77 -0.74 -11.63
N CYS A 101 1.05 0.24 -11.11
CA CYS A 101 -0.39 0.15 -10.90
C CYS A 101 -1.11 0.97 -11.96
N SER A 102 -1.94 0.29 -12.74
CA SER A 102 -2.72 0.97 -13.74
C SER A 102 -4.05 1.22 -13.10
N ASN A 103 -4.13 2.20 -12.20
CA ASN A 103 -5.34 2.59 -11.45
C ASN A 103 -6.45 1.58 -11.25
N THR A 104 -7.18 1.29 -12.32
CA THR A 104 -8.22 0.29 -12.35
C THR A 104 -7.78 -0.98 -11.67
N THR A 105 -6.49 -1.22 -11.73
CA THR A 105 -5.87 -2.40 -11.10
C THR A 105 -4.40 -2.14 -10.81
N CYS A 106 -3.64 -3.21 -10.60
CA CYS A 106 -2.18 -3.12 -10.59
C CYS A 106 -1.65 -4.28 -11.43
N LEU A 107 -0.37 -4.25 -11.74
CA LEU A 107 0.27 -5.29 -12.54
C LEU A 107 0.79 -6.35 -11.58
N ASP A 108 1.25 -7.48 -12.13
CA ASP A 108 1.82 -8.54 -11.34
C ASP A 108 3.34 -8.63 -11.50
N GLY A 109 3.99 -7.57 -11.97
CA GLY A 109 5.41 -7.64 -12.21
C GLY A 109 6.19 -6.39 -11.84
N PHE A 110 7.34 -6.59 -11.19
CA PHE A 110 8.18 -5.49 -10.74
C PHE A 110 8.94 -4.93 -11.92
N ASP A 111 8.27 -4.06 -12.67
CA ASP A 111 8.79 -3.62 -13.96
C ASP A 111 9.68 -2.38 -13.85
N ILE A 112 9.23 -1.33 -13.18
CA ILE A 112 10.04 -0.12 -13.06
C ILE A 112 10.96 -0.32 -11.86
N TRP A 113 12.27 -0.23 -12.11
CA TRP A 113 13.28 -0.45 -11.10
C TRP A 113 13.95 0.88 -10.77
N GLY A 114 15.00 0.83 -9.95
CA GLY A 114 15.77 2.02 -9.61
C GLY A 114 16.97 2.17 -10.51
N GLN A 115 18.09 2.58 -9.92
CA GLN A 115 19.36 2.55 -10.64
C GLN A 115 20.50 1.98 -9.84
N GLY A 116 20.35 1.79 -8.53
CA GLY A 116 21.41 1.18 -7.74
C GLY A 116 21.99 2.10 -6.69
N THR A 117 22.62 1.50 -5.68
CA THR A 117 23.20 2.25 -4.57
C THR A 117 24.40 1.44 -4.08
N MET A 118 25.59 1.87 -4.45
CA MET A 118 26.82 1.15 -4.11
C MET A 118 27.10 1.34 -2.63
N VAL A 119 26.43 0.53 -1.81
CA VAL A 119 26.63 0.57 -0.36
C VAL A 119 27.96 -0.12 -0.08
N SER A 120 28.99 0.67 0.17
CA SER A 120 30.34 0.15 0.34
C SER A 120 30.64 -0.01 1.82
N VAL A 121 31.14 -1.18 2.20
CA VAL A 121 31.55 -1.44 3.57
C VAL A 121 33.09 -1.42 3.59
N SER A 122 33.64 -0.32 4.08
CA SER A 122 35.10 -0.14 4.09
C SER A 122 35.65 -0.21 5.51
N ILE B 2 11.09 -22.52 0.25
CA ILE B 2 10.97 -22.65 -1.19
C ILE B 2 12.15 -22.04 -1.94
N VAL B 3 12.87 -22.88 -2.67
CA VAL B 3 14.05 -22.48 -3.42
C VAL B 3 13.81 -22.78 -4.89
N LEU B 4 14.41 -21.96 -5.76
CA LEU B 4 14.24 -22.09 -7.20
C LEU B 4 15.59 -22.37 -7.84
N THR B 5 15.67 -23.50 -8.53
CA THR B 5 16.84 -23.89 -9.28
C THR B 5 16.60 -23.65 -10.77
N GLN B 6 17.58 -23.04 -11.43
CA GLN B 6 17.41 -22.77 -12.85
C GLN B 6 18.28 -23.77 -13.60
N SER B 7 18.22 -23.78 -14.93
CA SER B 7 18.79 -24.82 -15.78
C SER B 7 19.72 -24.13 -16.77
N PRO B 8 20.43 -24.87 -17.71
CA PRO B 8 21.91 -24.81 -17.77
C PRO B 8 22.58 -23.48 -17.48
N VAL B 9 23.61 -23.54 -16.63
CA VAL B 9 24.27 -22.36 -16.06
C VAL B 9 24.96 -21.50 -17.10
N THR B 10 25.22 -22.05 -18.28
CA THR B 10 25.61 -21.25 -19.44
C THR B 10 24.99 -21.85 -20.69
N LEU B 11 24.52 -20.98 -21.58
CA LEU B 11 24.02 -21.39 -22.90
C LEU B 11 25.08 -21.01 -23.92
N SER B 12 26.15 -21.80 -23.97
CA SER B 12 27.29 -21.51 -24.85
C SER B 12 27.00 -22.08 -26.22
N LEU B 13 26.32 -21.28 -27.05
CA LEU B 13 25.99 -21.70 -28.41
C LEU B 13 25.81 -20.45 -29.27
N SER B 14 25.64 -20.67 -30.57
CA SER B 14 25.84 -19.62 -31.57
C SER B 14 24.78 -18.53 -31.48
N PRO B 15 25.10 -17.32 -31.95
CA PRO B 15 24.07 -16.28 -32.05
C PRO B 15 23.10 -16.58 -33.17
N GLY B 16 21.96 -15.89 -33.15
CA GLY B 16 21.00 -15.92 -34.24
C GLY B 16 20.30 -17.24 -34.49
N GLU B 17 19.74 -17.85 -33.43
CA GLU B 17 19.12 -19.17 -33.51
C GLU B 17 18.14 -19.32 -32.35
N ARG B 18 17.74 -20.56 -32.07
CA ARG B 18 16.71 -20.87 -31.09
C ARG B 18 17.27 -21.44 -29.79
N ALA B 19 16.97 -20.78 -28.67
CA ALA B 19 17.42 -21.22 -27.36
C ALA B 19 16.24 -21.29 -26.39
N THR B 20 16.32 -22.21 -25.44
CA THR B 20 15.27 -22.44 -24.44
C THR B 20 15.86 -22.26 -23.05
N LEU B 21 15.11 -21.57 -22.18
CA LEU B 21 15.52 -21.30 -20.81
C LEU B 21 14.42 -21.78 -19.87
N SER B 22 14.81 -22.52 -18.84
CA SER B 22 13.85 -23.20 -17.99
C SER B 22 14.23 -23.07 -16.52
N CYS B 23 13.21 -22.89 -15.66
CA CYS B 23 13.39 -22.71 -14.23
C CYS B 23 12.67 -23.87 -13.52
N ARG B 24 13.44 -24.89 -13.13
CA ARG B 24 12.91 -26.05 -12.42
C ARG B 24 12.78 -25.75 -10.93
N ALA B 25 11.59 -25.35 -10.50
CA ALA B 25 11.37 -25.04 -9.10
C ALA B 25 11.41 -26.30 -8.25
N SER B 26 11.93 -26.16 -7.02
CA SER B 26 12.00 -27.29 -6.10
C SER B 26 10.70 -27.50 -5.34
N GLN B 27 9.92 -26.43 -5.15
CA GLN B 27 8.58 -26.52 -4.60
C GLN B 27 7.64 -25.80 -5.57
N SER B 28 6.39 -26.25 -5.62
CA SER B 28 5.45 -25.80 -6.64
C SER B 28 5.09 -24.33 -6.44
N VAL B 29 5.29 -23.54 -7.49
CA VAL B 29 5.08 -22.10 -7.44
C VAL B 29 3.57 -21.82 -7.41
N ARG B 30 3.14 -21.13 -6.36
CA ARG B 30 1.71 -20.83 -6.23
C ARG B 30 1.30 -19.72 -7.19
N ASN B 31 0.14 -19.92 -7.83
CA ASN B 31 -0.57 -18.95 -8.66
C ASN B 31 0.21 -18.57 -9.92
N SER B 32 1.22 -19.37 -10.30
CA SER B 32 2.09 -19.19 -11.46
C SER B 32 2.68 -17.79 -11.53
N LEU B 33 3.50 -17.42 -10.54
CA LEU B 33 4.14 -16.11 -10.51
C LEU B 33 5.64 -16.35 -10.54
N LEU B 34 6.19 -16.50 -11.75
CA LEU B 34 7.61 -16.76 -11.93
C LEU B 34 8.08 -15.84 -13.05
N ALA B 35 7.94 -14.54 -12.81
CA ALA B 35 8.37 -13.51 -13.74
C ALA B 35 9.85 -13.65 -14.13
N TRP B 36 10.17 -13.31 -15.37
CA TRP B 36 11.52 -13.49 -15.91
C TRP B 36 12.18 -12.14 -16.14
N TYR B 37 13.36 -11.95 -15.54
CA TYR B 37 14.17 -10.75 -15.69
C TYR B 37 15.49 -11.08 -16.37
N GLN B 38 16.08 -10.07 -17.00
CA GLN B 38 17.45 -10.14 -17.47
C GLN B 38 18.25 -9.03 -16.82
N GLN B 39 19.56 -9.23 -16.70
CA GLN B 39 20.42 -8.27 -15.99
C GLN B 39 21.82 -8.34 -16.62
N LYS B 40 22.10 -7.39 -17.51
CA LYS B 40 23.44 -7.28 -18.05
C LYS B 40 24.41 -6.84 -16.94
N PRO B 41 25.62 -7.40 -16.91
CA PRO B 41 26.39 -7.49 -15.66
C PRO B 41 26.83 -6.13 -15.10
N GLY B 42 26.29 -5.78 -13.94
CA GLY B 42 26.64 -4.57 -13.26
C GLY B 42 25.64 -3.43 -13.41
N GLN B 43 24.53 -3.66 -14.10
CA GLN B 43 23.57 -2.59 -14.33
C GLN B 43 22.19 -3.06 -13.91
N ALA B 44 21.22 -2.16 -14.02
CA ALA B 44 19.89 -2.38 -13.48
C ALA B 44 19.15 -3.47 -14.25
N PRO B 45 18.56 -4.45 -13.57
CA PRO B 45 17.72 -5.43 -14.26
C PRO B 45 16.44 -4.80 -14.77
N ARG B 46 15.73 -5.57 -15.58
CA ARG B 46 14.55 -5.09 -16.26
C ARG B 46 13.68 -6.29 -16.60
N LEU B 47 12.38 -6.07 -16.72
CA LEU B 47 11.42 -7.17 -16.70
C LEU B 47 11.03 -7.50 -18.13
N LEU B 48 10.90 -8.79 -18.41
CA LEU B 48 10.52 -9.31 -19.71
C LEU B 48 9.21 -10.06 -19.70
N ILE B 49 9.07 -11.03 -18.79
CA ILE B 49 7.85 -11.82 -18.63
C ILE B 49 7.27 -11.49 -17.27
N TYR B 50 5.97 -11.24 -17.22
CA TYR B 50 5.25 -11.07 -15.96
C TYR B 50 4.15 -12.11 -15.88
N ALA B 51 3.82 -12.49 -14.64
CA ALA B 51 2.83 -13.53 -14.30
C ALA B 51 3.15 -14.86 -14.98
N ALA B 52 4.44 -15.12 -15.18
CA ALA B 52 5.06 -16.37 -15.66
C ALA B 52 4.74 -16.71 -17.11
N SER B 53 3.87 -15.96 -17.77
CA SER B 53 3.67 -16.16 -19.20
C SER B 53 3.52 -14.88 -20.02
N SER B 54 3.10 -13.76 -19.43
CA SER B 54 2.68 -12.62 -20.21
C SER B 54 3.86 -11.73 -20.57
N ARG B 55 3.83 -11.20 -21.80
CA ARG B 55 4.84 -10.26 -22.25
C ARG B 55 4.64 -8.91 -21.59
N ALA B 56 5.74 -8.25 -21.23
CA ALA B 56 5.65 -6.99 -20.52
C ALA B 56 5.32 -5.83 -21.45
N THR B 57 4.75 -4.78 -20.85
CA THR B 57 4.44 -3.57 -21.59
C THR B 57 5.71 -2.80 -21.92
N GLY B 58 5.83 -2.36 -23.17
CA GLY B 58 7.00 -1.67 -23.66
C GLY B 58 8.08 -2.60 -24.17
N ILE B 59 8.07 -3.85 -23.75
CA ILE B 59 9.02 -4.85 -24.23
C ILE B 59 8.54 -5.38 -25.59
N PRO B 60 9.41 -5.44 -26.60
CA PRO B 60 9.01 -6.02 -27.89
C PRO B 60 8.87 -7.53 -27.84
N ASP B 61 8.78 -8.14 -29.03
CA ASP B 61 8.53 -9.56 -29.20
C ASP B 61 9.77 -10.40 -28.89
N ARG B 62 9.80 -11.64 -29.40
CA ARG B 62 10.93 -12.58 -29.45
C ARG B 62 11.13 -13.30 -28.10
N PHE B 63 10.44 -12.89 -27.04
CA PHE B 63 10.44 -13.62 -25.79
C PHE B 63 9.09 -14.29 -25.60
N SER B 64 9.06 -15.34 -24.78
CA SER B 64 7.80 -16.06 -24.52
C SER B 64 7.93 -16.84 -23.22
N GLY B 65 7.02 -16.56 -22.28
CA GLY B 65 6.89 -17.39 -21.09
C GLY B 65 5.76 -18.38 -21.28
N SER B 66 6.03 -19.64 -20.92
CA SER B 66 5.05 -20.70 -21.14
C SER B 66 5.02 -21.64 -19.94
N GLY B 67 3.88 -22.29 -19.77
CA GLY B 67 3.70 -23.24 -18.70
C GLY B 67 3.29 -22.59 -17.39
N SER B 68 2.95 -23.43 -16.43
CA SER B 68 2.57 -22.98 -15.10
C SER B 68 2.88 -24.08 -14.10
N GLY B 69 2.84 -23.72 -12.82
CA GLY B 69 3.07 -24.68 -11.77
C GLY B 69 4.53 -24.85 -11.42
N THR B 70 5.14 -25.92 -11.91
CA THR B 70 6.55 -26.18 -11.69
C THR B 70 7.34 -26.31 -12.99
N ASP B 71 6.80 -27.01 -13.99
CA ASP B 71 7.40 -27.01 -15.32
C ASP B 71 7.25 -25.64 -15.95
N PHE B 72 8.33 -25.13 -16.53
CA PHE B 72 8.39 -23.73 -16.89
C PHE B 72 9.40 -23.51 -18.00
N THR B 73 9.09 -22.56 -18.88
CA THR B 73 9.93 -22.28 -20.03
C THR B 73 9.98 -20.78 -20.29
N LEU B 74 11.18 -20.28 -20.52
CA LEU B 74 11.39 -18.99 -21.18
C LEU B 74 11.86 -19.27 -22.60
N THR B 75 11.13 -18.75 -23.57
CA THR B 75 11.38 -19.04 -24.98
C THR B 75 11.92 -17.78 -25.65
N ILE B 76 13.21 -17.78 -25.96
CA ILE B 76 13.82 -16.68 -26.70
C ILE B 76 14.00 -17.14 -28.15
N SER B 77 13.60 -16.26 -29.08
CA SER B 77 13.44 -16.69 -30.46
C SER B 77 14.67 -16.39 -31.31
N ARG B 78 15.26 -15.21 -31.15
CA ARG B 78 16.19 -14.64 -32.12
C ARG B 78 17.29 -13.98 -31.31
N LEU B 79 18.38 -14.70 -31.06
CA LEU B 79 19.46 -14.19 -30.21
C LEU B 79 20.25 -13.12 -30.95
N GLU B 80 19.92 -11.87 -30.70
CA GLU B 80 20.75 -10.75 -31.08
C GLU B 80 21.97 -10.69 -30.16
N PRO B 81 23.04 -10.00 -30.58
CA PRO B 81 24.22 -9.87 -29.70
C PRO B 81 23.96 -9.19 -28.36
N GLU B 82 22.93 -8.35 -28.24
CA GLU B 82 22.62 -7.73 -26.96
C GLU B 82 21.72 -8.60 -26.08
N ASP B 83 21.34 -9.79 -26.55
CA ASP B 83 20.64 -10.77 -25.71
C ASP B 83 21.58 -11.78 -25.08
N PHE B 84 22.87 -11.48 -25.02
CA PHE B 84 23.83 -12.39 -24.40
C PHE B 84 24.09 -11.92 -22.97
N VAL B 85 23.07 -12.15 -22.14
CA VAL B 85 22.85 -11.49 -20.86
C VAL B 85 22.49 -12.58 -19.84
N VAL B 86 22.82 -12.33 -18.57
CA VAL B 86 22.32 -13.16 -17.47
C VAL B 86 20.82 -12.97 -17.30
N TYR B 87 20.08 -14.09 -17.21
CA TYR B 87 18.63 -14.09 -17.16
C TYR B 87 18.14 -14.74 -15.86
N TYR B 88 17.11 -14.15 -15.24
CA TYR B 88 16.76 -14.46 -13.86
C TYR B 88 15.29 -14.83 -13.71
N CYS B 89 15.03 -15.75 -12.77
CA CYS B 89 13.68 -16.15 -12.37
C CYS B 89 13.14 -15.16 -11.32
N GLN B 90 12.03 -15.53 -10.67
CA GLN B 90 11.36 -14.79 -9.60
C GLN B 90 10.36 -15.77 -9.00
N GLN B 91 10.03 -15.59 -7.72
CA GLN B 91 8.93 -16.36 -7.15
C GLN B 91 8.09 -15.44 -6.26
N HIS B 92 7.60 -14.43 -6.85
CA HIS B 92 7.03 -13.56 -5.99
C HIS B 92 5.70 -13.91 -6.01
N GLY B 93 5.45 -15.00 -5.34
CA GLY B 93 4.10 -15.49 -5.27
C GLY B 93 3.82 -16.06 -3.93
N SER B 94 4.79 -16.77 -3.39
CA SER B 94 4.73 -17.44 -2.12
C SER B 94 4.29 -16.64 -0.91
N SER B 95 5.28 -16.04 -0.26
CA SER B 95 5.08 -15.26 0.95
C SER B 95 6.34 -14.45 1.14
N PRO B 96 7.31 -15.12 1.67
CA PRO B 96 8.64 -14.60 1.90
C PRO B 96 9.61 -15.17 0.85
N PRO B 97 10.88 -14.84 0.98
CA PRO B 97 11.94 -15.28 0.08
C PRO B 97 11.61 -15.43 -1.43
N TRP B 98 10.94 -14.45 -2.01
CA TRP B 98 10.60 -14.42 -3.40
C TRP B 98 11.87 -14.69 -4.14
N THR B 99 12.26 -15.93 -4.01
CA THR B 99 13.59 -16.41 -4.37
C THR B 99 13.85 -16.27 -5.86
N PHE B 100 15.04 -15.79 -6.20
CA PHE B 100 15.45 -15.67 -7.59
C PHE B 100 16.11 -16.97 -8.01
N GLY B 101 16.81 -16.97 -9.15
CA GLY B 101 17.60 -18.11 -9.57
C GLY B 101 19.09 -17.82 -9.49
N GLN B 102 19.86 -18.84 -9.88
CA GLN B 102 21.29 -18.67 -10.10
C GLN B 102 21.60 -17.82 -11.31
N GLY B 103 20.66 -17.69 -12.24
CA GLY B 103 20.93 -17.08 -13.52
C GLY B 103 21.61 -18.05 -14.44
N THR B 104 21.86 -17.58 -15.66
CA THR B 104 22.63 -18.33 -16.63
C THR B 104 23.52 -17.37 -17.38
N LYS B 105 24.28 -17.87 -18.34
CA LYS B 105 25.09 -17.00 -19.18
C LYS B 105 24.81 -17.38 -20.63
N VAL B 106 24.04 -16.54 -21.30
CA VAL B 106 23.86 -16.67 -22.74
C VAL B 106 25.19 -16.28 -23.38
N GLU B 107 25.90 -17.26 -23.93
CA GLU B 107 27.29 -17.10 -24.35
C GLU B 107 27.44 -17.52 -25.81
N PHE B 108 28.26 -16.78 -26.55
CA PHE B 108 28.53 -17.02 -27.96
C PHE B 108 29.17 -18.37 -28.22
N ASN C 2 -40.05 16.28 25.48
CA ASN C 2 -38.91 15.39 25.68
C ASN C 2 -37.75 15.79 24.79
N LEU C 3 -36.54 15.63 25.30
CA LEU C 3 -35.35 16.08 24.59
C LEU C 3 -34.81 14.98 23.69
N CYS C 4 -34.19 15.41 22.59
CA CYS C 4 -33.53 14.46 21.71
C CYS C 4 -32.26 13.94 22.38
N PRO C 5 -31.96 12.64 22.25
CA PRO C 5 -30.81 12.08 22.97
C PRO C 5 -29.48 12.35 22.29
N PHE C 6 -29.06 13.61 22.31
CA PHE C 6 -27.71 13.95 21.89
C PHE C 6 -26.67 13.60 22.94
N GLY C 7 -27.10 13.43 24.19
CA GLY C 7 -26.16 13.09 25.25
C GLY C 7 -25.63 11.68 25.17
N GLU C 8 -26.37 10.78 24.52
CA GLU C 8 -25.87 9.43 24.32
C GLU C 8 -25.02 9.30 23.06
N VAL C 9 -24.97 10.33 22.23
CA VAL C 9 -24.13 10.33 21.04
C VAL C 9 -22.84 11.06 21.35
N PHE C 10 -22.96 12.33 21.72
CA PHE C 10 -21.78 13.19 21.82
C PHE C 10 -20.96 12.87 23.07
N ASN C 11 -21.62 12.60 24.18
CA ASN C 11 -20.93 12.25 25.42
C ASN C 11 -20.88 10.73 25.63
N ALA C 12 -20.83 9.97 24.55
CA ALA C 12 -20.77 8.52 24.65
C ALA C 12 -19.40 8.06 25.10
N THR C 13 -19.37 6.87 25.71
CA THR C 13 -18.11 6.33 26.22
C THR C 13 -17.21 5.85 25.09
N ARG C 14 -17.80 5.23 24.07
CA ARG C 14 -17.04 4.58 23.02
C ARG C 14 -17.67 4.86 21.66
N PHE C 15 -16.82 5.13 20.68
CA PHE C 15 -17.24 5.34 19.31
C PHE C 15 -16.95 4.08 18.48
N ALA C 16 -17.12 4.21 17.17
CA ALA C 16 -16.81 3.13 16.24
C ALA C 16 -15.84 3.64 15.18
N SER C 17 -15.14 2.72 14.53
CA SER C 17 -14.19 3.08 13.49
C SER C 17 -14.93 3.58 12.25
N VAL C 18 -14.17 4.22 11.35
CA VAL C 18 -14.80 4.95 10.27
C VAL C 18 -15.30 4.04 9.15
N TYR C 19 -14.76 2.83 9.02
CA TYR C 19 -15.33 1.92 8.02
C TYR C 19 -16.68 1.39 8.48
N ALA C 20 -16.81 1.04 9.75
CA ALA C 20 -18.10 0.66 10.33
C ALA C 20 -18.64 1.84 11.15
N TRP C 21 -18.98 2.92 10.44
CA TRP C 21 -19.41 4.13 11.11
C TRP C 21 -20.80 3.94 11.70
N ASN C 22 -20.96 4.33 12.97
CA ASN C 22 -22.21 4.09 13.68
C ASN C 22 -23.24 5.14 13.31
N ARG C 23 -24.38 4.69 12.79
CA ARG C 23 -25.49 5.56 12.43
C ARG C 23 -26.64 5.29 13.36
N LYS C 24 -27.17 6.35 13.96
CA LYS C 24 -28.35 6.25 14.81
C LYS C 24 -29.40 7.25 14.33
N ARG C 25 -30.63 6.77 14.16
CA ARG C 25 -31.72 7.62 13.72
C ARG C 25 -32.35 8.31 14.91
N ILE C 26 -32.53 9.62 14.80
CA ILE C 26 -33.09 10.45 15.86
C ILE C 26 -34.38 11.05 15.35
N SER C 27 -35.48 10.78 16.04
CA SER C 27 -36.78 11.29 15.67
C SER C 27 -37.69 11.31 16.89
N ASN C 28 -38.87 11.91 16.70
CA ASN C 28 -39.93 12.02 17.71
C ASN C 28 -39.45 12.72 18.98
N CYS C 29 -38.67 13.78 18.82
CA CYS C 29 -38.18 14.51 19.98
C CYS C 29 -37.86 15.95 19.59
N VAL C 30 -37.60 16.76 20.61
CA VAL C 30 -37.17 18.14 20.42
C VAL C 30 -35.65 18.18 20.46
N ALA C 31 -35.05 18.72 19.40
CA ALA C 31 -33.59 18.75 19.26
C ALA C 31 -33.07 20.11 19.70
N ASP C 32 -32.46 20.16 20.87
CA ASP C 32 -31.92 21.39 21.42
C ASP C 32 -30.48 21.47 20.95
N TYR C 33 -30.20 22.38 20.03
CA TYR C 33 -28.86 22.54 19.47
C TYR C 33 -28.02 23.57 20.21
N SER C 34 -28.58 24.25 21.21
CA SER C 34 -27.82 25.27 21.92
C SER C 34 -26.70 24.66 22.75
N VAL C 35 -26.96 23.49 23.34
CA VAL C 35 -25.93 22.77 24.08
C VAL C 35 -24.84 22.20 23.20
N LEU C 36 -25.06 22.14 21.89
CA LEU C 36 -24.02 21.73 20.94
C LEU C 36 -23.17 22.91 20.51
N TYR C 37 -23.80 24.00 20.05
CA TYR C 37 -23.04 25.13 19.53
C TYR C 37 -22.34 25.89 20.66
N ASN C 38 -23.00 26.03 21.80
CA ASN C 38 -22.44 26.79 22.90
C ASN C 38 -21.66 25.92 23.88
N SER C 39 -21.28 24.70 23.47
CA SER C 39 -20.52 23.83 24.35
C SER C 39 -19.09 24.28 24.51
N ALA C 40 -18.54 24.97 23.50
CA ALA C 40 -17.17 25.50 23.45
C ALA C 40 -16.12 24.40 23.62
N SER C 41 -16.42 23.20 23.14
CA SER C 41 -15.47 22.09 23.16
C SER C 41 -15.29 21.46 21.80
N PHE C 42 -16.11 21.80 20.82
CA PHE C 42 -16.08 21.18 19.50
C PHE C 42 -15.23 22.05 18.59
N SER C 43 -14.04 21.55 18.24
CA SER C 43 -13.06 22.36 17.54
C SER C 43 -13.47 22.65 16.11
N THR C 44 -13.92 21.63 15.38
CA THR C 44 -14.28 21.78 13.97
C THR C 44 -15.80 21.65 13.85
N PHE C 45 -16.43 22.72 13.36
CA PHE C 45 -17.89 22.78 13.31
C PHE C 45 -18.27 23.85 12.30
N LYS C 46 -18.92 23.44 11.22
CA LYS C 46 -19.47 24.36 10.23
C LYS C 46 -20.63 23.65 9.55
N CYS C 47 -21.58 24.42 9.03
CA CYS C 47 -22.82 23.80 8.56
C CYS C 47 -23.18 24.20 7.14
N TYR C 48 -23.71 23.20 6.41
CA TYR C 48 -23.92 23.25 4.98
C TYR C 48 -25.42 23.18 4.71
N GLY C 49 -25.92 24.15 3.95
CA GLY C 49 -27.32 24.18 3.57
C GLY C 49 -28.21 24.94 4.52
N VAL C 50 -27.77 25.17 5.75
CA VAL C 50 -28.52 25.93 6.74
C VAL C 50 -27.50 26.49 7.74
N SER C 51 -27.72 27.73 8.16
CA SER C 51 -26.85 28.33 9.16
C SER C 51 -27.04 27.62 10.50
N PRO C 52 -25.96 27.39 11.24
CA PRO C 52 -26.06 26.64 12.51
C PRO C 52 -26.88 27.33 13.59
N THR C 53 -26.89 28.65 13.62
CA THR C 53 -27.76 29.37 14.56
C THR C 53 -29.18 29.53 14.02
N LYS C 54 -29.43 29.13 12.78
CA LYS C 54 -30.74 29.26 12.16
C LYS C 54 -31.50 27.94 12.12
N LEU C 55 -30.80 26.80 12.23
CA LEU C 55 -31.44 25.50 12.22
C LEU C 55 -32.12 25.14 13.53
N ASN C 56 -31.99 25.97 14.57
CA ASN C 56 -32.59 25.66 15.86
C ASN C 56 -34.11 25.75 15.80
N ASP C 57 -34.65 26.69 15.01
CA ASP C 57 -36.08 26.87 14.90
C ASP C 57 -36.64 26.41 13.55
N LEU C 58 -36.07 25.34 12.99
CA LEU C 58 -36.63 24.72 11.79
C LEU C 58 -36.74 23.23 12.06
N CYS C 59 -37.77 22.60 11.49
CA CYS C 59 -38.17 21.27 11.87
C CYS C 59 -37.96 20.30 10.71
N PHE C 60 -37.31 19.17 10.99
CA PHE C 60 -37.06 18.12 10.02
C PHE C 60 -37.87 16.88 10.37
N THR C 61 -37.73 15.85 9.52
CA THR C 61 -38.44 14.60 9.74
C THR C 61 -37.54 13.53 10.33
N ASN C 62 -36.40 13.27 9.70
CA ASN C 62 -35.47 12.24 10.15
C ASN C 62 -34.08 12.83 10.27
N VAL C 63 -33.43 12.59 11.40
CA VAL C 63 -32.08 13.07 11.66
C VAL C 63 -31.20 11.86 11.93
N TYR C 64 -30.13 11.72 11.17
CA TYR C 64 -29.15 10.66 11.36
C TYR C 64 -27.87 11.26 11.92
N ALA C 65 -27.37 10.68 13.01
CA ALA C 65 -26.12 11.12 13.62
C ALA C 65 -25.07 10.06 13.38
N ASP C 66 -24.41 10.15 12.22
CA ASP C 66 -23.34 9.23 11.88
C ASP C 66 -22.08 9.65 12.63
N SER C 67 -21.49 8.72 13.36
CA SER C 67 -20.37 9.03 14.24
C SER C 67 -19.22 8.07 14.00
N PHE C 68 -18.00 8.59 14.03
CA PHE C 68 -16.81 7.76 13.86
C PHE C 68 -15.60 8.47 14.47
N VAL C 69 -14.45 7.83 14.38
CA VAL C 69 -13.18 8.37 14.85
C VAL C 69 -12.20 8.34 13.70
N ILE C 70 -11.66 9.51 13.35
CA ILE C 70 -10.66 9.63 12.30
C ILE C 70 -9.48 10.41 12.84
N ARG C 71 -8.37 10.32 12.11
CA ARG C 71 -7.21 11.15 12.38
C ARG C 71 -7.50 12.60 12.03
N GLY C 72 -6.83 13.52 12.72
CA GLY C 72 -7.13 14.94 12.63
C GLY C 72 -6.83 15.58 11.29
N ASP C 73 -6.06 14.93 10.43
CA ASP C 73 -5.76 15.52 9.14
C ASP C 73 -6.96 15.49 8.21
N GLU C 74 -7.68 14.37 8.16
CA GLU C 74 -8.76 14.17 7.20
C GLU C 74 -10.12 14.54 7.76
N VAL C 75 -10.16 15.48 8.72
CA VAL C 75 -11.43 16.10 9.06
C VAL C 75 -11.96 16.92 7.89
N ARG C 76 -11.05 17.51 7.12
CA ARG C 76 -11.40 18.22 5.89
C ARG C 76 -11.96 17.25 4.85
N GLN C 77 -11.63 15.97 4.92
CA GLN C 77 -12.20 14.99 4.02
C GLN C 77 -13.68 14.75 4.27
N ILE C 78 -14.18 15.06 5.45
CA ILE C 78 -15.62 14.90 5.74
C ILE C 78 -16.28 16.20 5.30
N ALA C 79 -16.59 16.28 4.01
CA ALA C 79 -17.19 17.46 3.40
C ALA C 79 -17.84 17.05 2.10
N PRO C 80 -18.96 17.69 1.72
CA PRO C 80 -19.52 17.45 0.38
C PRO C 80 -18.57 17.95 -0.71
N GLY C 81 -18.53 17.19 -1.80
CA GLY C 81 -17.66 17.51 -2.92
C GLY C 81 -16.18 17.44 -2.59
N GLN C 82 -15.79 16.42 -1.83
CA GLN C 82 -14.42 16.27 -1.37
C GLN C 82 -13.89 14.92 -1.80
N THR C 83 -12.62 14.90 -2.23
CA THR C 83 -11.96 13.70 -2.73
C THR C 83 -10.77 13.41 -1.84
N GLY C 84 -10.58 12.13 -1.51
CA GLY C 84 -9.46 11.72 -0.69
C GLY C 84 -9.48 10.23 -0.40
N LYS C 85 -9.11 9.85 0.82
CA LYS C 85 -9.09 8.45 1.22
C LYS C 85 -10.31 8.07 2.02
N ILE C 86 -10.59 8.80 3.10
CA ILE C 86 -11.80 8.56 3.90
C ILE C 86 -13.04 8.93 3.09
N ALA C 87 -12.95 10.02 2.32
CA ALA C 87 -14.08 10.49 1.52
C ALA C 87 -14.37 9.61 0.32
N ASP C 88 -13.53 8.64 0.00
CA ASP C 88 -13.77 7.75 -1.12
C ASP C 88 -13.97 6.30 -0.70
N TYR C 89 -13.19 5.80 0.26
CA TYR C 89 -13.25 4.40 0.61
C TYR C 89 -13.88 4.12 1.96
N ASN C 90 -14.11 5.14 2.79
CA ASN C 90 -14.59 4.90 4.13
C ASN C 90 -15.94 5.54 4.40
N TYR C 91 -16.11 6.83 4.10
CA TYR C 91 -17.36 7.52 4.41
C TYR C 91 -17.47 8.72 3.48
N LYS C 92 -18.38 8.65 2.50
CA LYS C 92 -18.55 9.70 1.52
C LYS C 92 -19.83 10.47 1.80
N LEU C 93 -19.72 11.79 1.88
CA LEU C 93 -20.90 12.64 1.94
C LEU C 93 -21.38 12.99 0.53
N PRO C 94 -22.68 13.05 0.29
CA PRO C 94 -23.17 13.47 -1.02
C PRO C 94 -22.98 14.95 -1.23
N ASP C 95 -23.10 15.36 -2.49
CA ASP C 95 -22.96 16.78 -2.84
C ASP C 95 -24.11 17.60 -2.30
N ASP C 96 -25.32 17.06 -2.33
CA ASP C 96 -26.51 17.70 -1.74
C ASP C 96 -26.70 17.40 -0.24
N PHE C 97 -25.63 17.56 0.53
CA PHE C 97 -25.62 17.17 1.93
C PHE C 97 -26.33 18.24 2.78
N THR C 98 -27.40 17.83 3.44
CA THR C 98 -28.22 18.72 4.26
C THR C 98 -28.03 18.30 5.71
N GLY C 99 -27.20 19.03 6.43
CA GLY C 99 -26.78 18.67 7.76
C GLY C 99 -25.34 19.10 7.93
N CYS C 100 -24.75 18.70 9.07
CA CYS C 100 -23.41 19.18 9.35
C CYS C 100 -22.65 18.33 10.35
N VAL C 101 -21.39 18.70 10.52
CA VAL C 101 -20.31 17.85 11.02
C VAL C 101 -19.76 18.48 12.29
N ILE C 102 -19.58 17.67 13.32
CA ILE C 102 -19.00 18.11 14.58
C ILE C 102 -17.80 17.25 14.88
N ALA C 103 -16.63 17.87 14.99
CA ALA C 103 -15.40 17.15 15.26
C ALA C 103 -14.65 17.85 16.38
N TRP C 104 -14.30 17.10 17.42
CA TRP C 104 -13.52 17.63 18.52
C TRP C 104 -12.37 16.69 18.83
N ASN C 105 -11.32 17.25 19.43
CA ASN C 105 -10.13 16.48 19.75
C ASN C 105 -10.44 15.46 20.84
N SER C 106 -9.85 14.27 20.69
CA SER C 106 -10.10 13.18 21.63
C SER C 106 -8.80 12.46 21.96
N ASN C 107 -7.71 13.22 22.09
CA ASN C 107 -6.42 12.63 22.48
C ASN C 107 -6.45 12.09 23.89
N ASN C 108 -7.19 12.75 24.78
CA ASN C 108 -7.28 12.36 26.18
C ASN C 108 -8.09 11.09 26.43
N LEU C 109 -8.84 10.59 25.45
CA LEU C 109 -9.58 9.35 25.62
C LEU C 109 -9.13 8.23 24.68
N ASP C 110 -9.01 8.52 23.39
CA ASP C 110 -8.82 7.46 22.40
C ASP C 110 -7.37 7.05 22.20
N SER C 111 -6.42 7.97 22.33
CA SER C 111 -5.01 7.68 22.15
C SER C 111 -4.44 7.18 23.46
N LYS C 112 -4.39 5.86 23.64
CA LYS C 112 -3.88 5.27 24.85
C LYS C 112 -2.37 5.10 24.79
N VAL C 113 -1.79 4.77 25.94
CA VAL C 113 -0.34 4.65 26.04
C VAL C 113 0.13 3.40 25.33
N GLY C 114 1.18 3.53 24.52
CA GLY C 114 1.72 2.42 23.76
C GLY C 114 1.07 2.20 22.41
N GLY C 115 0.11 3.03 22.02
CA GLY C 115 -0.54 2.88 20.74
C GLY C 115 -1.94 2.29 20.85
N ASN C 116 -2.89 2.90 20.16
CA ASN C 116 -4.26 2.40 20.08
C ASN C 116 -4.52 1.92 18.67
N TYR C 117 -4.81 0.63 18.52
CA TYR C 117 -4.99 0.02 17.21
C TYR C 117 -6.39 -0.57 17.04
N ASN C 118 -7.34 -0.16 17.87
CA ASN C 118 -8.71 -0.61 17.71
C ASN C 118 -9.37 0.03 16.49
N TYR C 119 -8.99 1.27 16.18
CA TYR C 119 -9.62 2.01 15.10
C TYR C 119 -8.88 1.74 13.80
N ARG C 120 -9.60 1.26 12.80
CA ARG C 120 -9.06 0.98 11.49
C ARG C 120 -9.83 1.76 10.45
N TYR C 121 -9.21 1.97 9.29
CA TYR C 121 -9.88 2.60 8.18
C TYR C 121 -9.64 1.81 6.91
N ARG C 122 -10.64 1.82 6.03
CA ARG C 122 -10.53 1.10 4.76
C ARG C 122 -9.56 1.82 3.85
N LEU C 123 -8.53 1.11 3.41
CA LEU C 123 -7.44 1.70 2.65
C LEU C 123 -7.41 1.26 1.19
N PHE C 124 -7.69 -0.01 0.93
CA PHE C 124 -7.74 -0.54 -0.43
C PHE C 124 -9.18 -0.90 -0.76
N ARG C 125 -9.66 -0.39 -1.89
CA ARG C 125 -11.00 -0.74 -2.34
C ARG C 125 -11.05 -0.65 -3.85
N LYS C 126 -11.95 -1.43 -4.46
CA LYS C 126 -12.05 -1.48 -5.91
C LYS C 126 -12.63 -0.19 -6.47
N SER C 127 -13.68 0.34 -5.84
CA SER C 127 -14.35 1.54 -6.31
C SER C 127 -14.61 2.48 -5.15
N ASN C 128 -14.79 3.75 -5.48
CA ASN C 128 -15.16 4.73 -4.47
C ASN C 128 -16.58 4.47 -3.97
N LEU C 129 -16.83 4.84 -2.72
CA LEU C 129 -18.11 4.58 -2.10
C LEU C 129 -19.18 5.49 -2.64
N LYS C 130 -20.39 4.95 -2.79
CA LYS C 130 -21.57 5.78 -2.94
C LYS C 130 -21.86 6.46 -1.60
N PRO C 131 -22.54 7.61 -1.61
CA PRO C 131 -22.79 8.33 -0.35
C PRO C 131 -23.63 7.54 0.64
N PHE C 132 -23.25 7.67 1.92
CA PHE C 132 -23.88 6.99 3.05
C PHE C 132 -23.89 5.47 2.89
N GLU C 133 -22.77 4.92 2.40
CA GLU C 133 -22.61 3.48 2.31
C GLU C 133 -21.76 2.99 3.46
N ARG C 134 -22.17 1.89 4.07
CA ARG C 134 -21.46 1.28 5.18
C ARG C 134 -20.93 -0.06 4.72
N ASP C 135 -19.60 -0.15 4.57
CA ASP C 135 -18.94 -1.36 4.08
C ASP C 135 -18.31 -2.08 5.25
N ILE C 136 -18.72 -3.33 5.46
CA ILE C 136 -18.27 -4.11 6.60
C ILE C 136 -17.35 -5.26 6.18
N SER C 137 -17.30 -5.59 4.88
CA SER C 137 -16.57 -6.77 4.43
C SER C 137 -15.06 -6.57 4.53
N THR C 138 -14.38 -7.55 5.13
CA THR C 138 -12.95 -7.53 5.31
C THR C 138 -12.28 -8.62 4.47
N GLU C 139 -12.76 -8.79 3.24
CA GLU C 139 -12.16 -9.73 2.31
C GLU C 139 -10.79 -9.23 1.85
N ILE C 140 -9.91 -10.17 1.53
CA ILE C 140 -8.55 -9.83 1.13
C ILE C 140 -8.57 -9.25 -0.27
N TYR C 141 -8.21 -7.98 -0.39
CA TYR C 141 -8.37 -7.23 -1.62
C TYR C 141 -7.37 -7.71 -2.68
N GLN C 142 -7.85 -7.89 -3.90
CA GLN C 142 -7.02 -8.30 -5.02
C GLN C 142 -6.67 -7.06 -5.84
N ALA C 143 -5.38 -6.77 -5.96
CA ALA C 143 -4.92 -5.63 -6.75
C ALA C 143 -4.42 -6.02 -8.13
N GLY C 144 -4.16 -7.30 -8.37
CA GLY C 144 -3.62 -7.72 -9.64
C GLY C 144 -4.53 -8.63 -10.43
N SER C 145 -3.97 -9.33 -11.41
CA SER C 145 -4.76 -10.17 -12.30
C SER C 145 -5.14 -11.49 -11.63
N LYS C 146 -4.17 -12.17 -11.05
CA LYS C 146 -4.41 -13.50 -10.49
C LYS C 146 -5.10 -13.37 -9.14
N PRO C 147 -6.29 -13.95 -8.97
CA PRO C 147 -6.90 -13.98 -7.63
C PRO C 147 -6.13 -14.91 -6.71
N CYS C 148 -6.15 -14.60 -5.42
CA CYS C 148 -5.35 -15.32 -4.45
C CYS C 148 -6.19 -15.77 -3.26
N ASN C 149 -7.44 -16.18 -3.54
CA ASN C 149 -8.38 -16.96 -2.72
C ASN C 149 -8.43 -16.61 -1.22
N GLY C 150 -8.25 -15.33 -0.89
CA GLY C 150 -8.36 -14.92 0.50
C GLY C 150 -7.18 -15.24 1.39
N VAL C 151 -5.99 -15.45 0.83
CA VAL C 151 -4.78 -15.59 1.64
C VAL C 151 -3.90 -14.38 1.41
N GLU C 152 -3.09 -14.08 2.42
CA GLU C 152 -2.27 -12.88 2.41
C GLU C 152 -1.01 -13.11 1.58
N GLY C 153 -0.63 -12.11 0.80
CA GLY C 153 0.56 -12.23 -0.02
C GLY C 153 0.70 -11.08 -0.98
N PHE C 154 1.49 -11.31 -2.02
CA PHE C 154 1.73 -10.29 -3.04
C PHE C 154 0.45 -9.98 -3.81
N ASN C 155 0.13 -8.68 -3.89
CA ASN C 155 -1.14 -8.16 -4.43
C ASN C 155 -2.36 -8.76 -3.73
N CYS C 156 -2.21 -9.08 -2.44
CA CYS C 156 -3.28 -9.59 -1.60
C CYS C 156 -3.20 -8.80 -0.30
N TYR C 157 -3.97 -7.71 -0.21
CA TYR C 157 -3.87 -6.79 0.90
C TYR C 157 -5.14 -6.83 1.73
N PHE C 158 -4.98 -6.95 3.03
CA PHE C 158 -6.11 -6.78 3.93
C PHE C 158 -6.48 -5.30 3.96
N PRO C 159 -7.72 -4.93 3.65
CA PRO C 159 -8.02 -3.53 3.33
C PRO C 159 -8.14 -2.61 4.53
N LEU C 160 -8.04 -3.12 5.75
CA LEU C 160 -8.18 -2.30 6.96
C LEU C 160 -6.81 -2.12 7.61
N GLN C 161 -6.26 -0.92 7.48
CA GLN C 161 -4.99 -0.57 8.11
C GLN C 161 -5.29 0.23 9.36
N SER C 162 -4.91 -0.29 10.52
CA SER C 162 -5.23 0.35 11.79
C SER C 162 -4.40 1.62 11.98
N TYR C 163 -5.05 2.64 12.53
CA TYR C 163 -4.35 3.87 12.90
C TYR C 163 -3.38 3.60 14.04
N GLY C 164 -2.24 4.28 14.00
CA GLY C 164 -1.35 4.29 15.14
C GLY C 164 -1.56 5.54 15.95
N PHE C 165 -2.33 5.44 17.03
CA PHE C 165 -2.71 6.60 17.83
C PHE C 165 -1.87 6.61 19.11
N GLN C 166 -1.06 7.65 19.27
CA GLN C 166 -0.15 7.78 20.39
C GLN C 166 -0.30 9.17 21.00
N PRO C 167 -0.17 9.30 22.32
CA PRO C 167 -0.09 10.65 22.92
C PRO C 167 1.13 11.45 22.49
N THR C 168 2.19 10.79 22.03
CA THR C 168 3.37 11.47 21.53
C THR C 168 3.09 12.17 20.20
N ASN C 169 2.09 11.71 19.46
CA ASN C 169 1.78 12.19 18.11
C ASN C 169 1.39 13.65 18.10
N GLY C 170 1.57 14.29 16.95
CA GLY C 170 1.27 15.69 16.78
C GLY C 170 -0.22 15.96 16.73
N VAL C 171 -0.54 17.24 16.53
CA VAL C 171 -1.92 17.70 16.53
C VAL C 171 -2.68 17.13 15.34
N GLY C 172 -2.03 17.06 14.18
CA GLY C 172 -2.65 16.47 13.01
C GLY C 172 -2.85 14.97 13.07
N TYR C 173 -2.10 14.28 13.94
CA TYR C 173 -2.20 12.85 14.08
C TYR C 173 -3.05 12.43 15.29
N GLN C 174 -3.64 13.39 15.96
CA GLN C 174 -4.45 12.99 17.11
C GLN C 174 -5.83 12.52 16.66
N PRO C 175 -6.44 11.59 17.39
CA PRO C 175 -7.78 11.12 16.99
C PRO C 175 -8.85 12.15 17.30
N TYR C 176 -9.73 12.36 16.35
CA TYR C 176 -10.83 13.32 16.49
C TYR C 176 -12.14 12.55 16.37
N ARG C 177 -12.91 12.53 17.44
CA ARG C 177 -14.25 11.94 17.40
C ARG C 177 -15.15 12.82 16.56
N VAL C 178 -15.61 12.30 15.43
CA VAL C 178 -16.39 13.07 14.47
C VAL C 178 -17.83 12.57 14.51
N VAL C 179 -18.77 13.49 14.66
CA VAL C 179 -20.19 13.18 14.60
C VAL C 179 -20.79 13.98 13.46
N VAL C 180 -21.45 13.30 12.53
CA VAL C 180 -22.01 13.92 11.33
C VAL C 180 -23.52 13.85 11.43
N LEU C 181 -24.17 15.01 11.39
CA LEU C 181 -25.62 15.10 11.42
C LEU C 181 -26.13 15.26 10.00
N SER C 182 -27.18 14.52 9.65
CA SER C 182 -27.82 14.64 8.36
C SER C 182 -29.30 14.90 8.58
N PHE C 183 -29.88 15.75 7.73
CA PHE C 183 -31.29 16.13 7.86
C PHE C 183 -32.04 15.80 6.58
N GLU C 184 -33.36 15.67 6.70
CA GLU C 184 -34.23 15.46 5.55
C GLU C 184 -34.30 16.73 4.71
N ALA C 190 -42.25 14.93 10.25
CA ALA C 190 -41.74 16.22 10.69
C ALA C 190 -41.71 16.31 12.20
N THR C 191 -41.10 15.33 12.85
CA THR C 191 -41.17 15.20 14.30
C THR C 191 -39.84 15.51 14.99
N VAL C 192 -38.92 16.18 14.32
CA VAL C 192 -37.68 16.64 14.95
C VAL C 192 -37.70 18.17 14.87
N CYS C 193 -38.27 18.80 15.88
CA CYS C 193 -38.42 20.25 15.93
C CYS C 193 -37.45 20.82 16.96
N GLY C 194 -37.53 22.12 17.18
CA GLY C 194 -36.67 22.79 18.13
C GLY C 194 -37.42 23.48 19.27
#